data_9KF6
#
_entry.id   9KF6
#
_cell.length_a   181.720
_cell.length_b   181.720
_cell.length_c   49.650
_cell.angle_alpha   90.00
_cell.angle_beta   90.00
_cell.angle_gamma   90.00
#
_symmetry.space_group_name_H-M   'P 4 21 2'
#
loop_
_entity.id
_entity.type
_entity.pdbx_description
1 polymer Sulfotransferase
2 non-polymer 'SULFATE ION'
3 non-polymer 'MAGNESIUM ION'
4 water water
#
_entity_poly.entity_id   1
_entity_poly.type   'polypeptide(L)'
_entity_poly.pdbx_seq_one_letter_code
;MGHHHHHHGGHPLSLVTRPDLLPPAIDVRESAPGTSPGYVFLAPKTGDVGGGPGTLQSGPMIVDNEGEPVWFLPRGIGAL
NYVTAFQRQTYRGEPVLTWWEGAPLPTGVGVGYWVVMDQSYREIARIRAGKGHAGADLHDMQITPDNTALVLIAEPQLHR
VDGHARLVMNNIVQEIDIASGTVLHEWDSLRHVDVDESYLSSIPLLPYDYVHINSMSVDTDGNLLLSGRNTHAVYKVDRH
SGDIIWRLGGKKNDFTMAAGASFAWQ(HS8)DVSREGDGTLSVFDNAAAGSIETGGGAPPGTVSRALFLSVDTEARTARV
DRSYTSPDGLLSTSQGSMQLLPNGNVLVGWGSHGYYTEYADSGEVLMNASFKDPLVNSYRALRFPWHGRPTDSPAVAGRA
GAHGMTVHASWNGATEVASWRILAGDTPQSLSGVKEVPKDAFETSATVAHTSSYVAVQALDSTGRVLGTSKASRVR
;
_entity_poly.pdbx_strand_id   A
#
loop_
_chem_comp.id
_chem_comp.type
_chem_comp.name
_chem_comp.formula
MG non-polymer 'MAGNESIUM ION' 'Mg 2'
SO4 non-polymer 'SULFATE ION' 'O4 S -2'
#
# COMPACT_ATOMS: atom_id res chain seq x y z
N HIS A 11 -5.80 -5.41 -20.23
CA HIS A 11 -6.16 -4.84 -18.93
C HIS A 11 -7.62 -5.26 -18.61
N PRO A 12 -8.38 -4.53 -17.73
CA PRO A 12 -9.39 -5.25 -16.94
C PRO A 12 -10.54 -5.79 -17.79
N LEU A 13 -10.63 -7.12 -17.87
CA LEU A 13 -11.71 -7.77 -18.59
C LEU A 13 -12.99 -7.74 -17.75
N SER A 14 -14.12 -7.76 -18.45
CA SER A 14 -15.42 -7.69 -17.77
C SER A 14 -15.66 -8.94 -16.93
N LEU A 15 -16.17 -8.74 -15.72
CA LEU A 15 -16.60 -9.81 -14.84
C LEU A 15 -18.12 -9.95 -14.93
N VAL A 16 -18.60 -11.19 -15.06
CA VAL A 16 -20.03 -11.40 -15.27
C VAL A 16 -20.81 -11.07 -14.00
N THR A 17 -20.37 -11.58 -12.85
CA THR A 17 -21.11 -11.37 -11.62
C THR A 17 -20.95 -9.97 -11.06
N ARG A 18 -19.81 -9.32 -11.33
CA ARG A 18 -19.52 -7.98 -10.81
C ARG A 18 -19.06 -7.08 -11.95
N PRO A 19 -20.00 -6.65 -12.81
CA PRO A 19 -19.62 -5.69 -13.87
C PRO A 19 -19.26 -4.32 -13.36
N ASP A 20 -19.41 -4.07 -12.06
CA ASP A 20 -19.02 -2.81 -11.45
C ASP A 20 -17.57 -2.78 -10.99
N LEU A 21 -16.88 -3.93 -11.00
CA LEU A 21 -15.50 -4.03 -10.57
C LEU A 21 -14.61 -4.21 -11.79
N LEU A 22 -13.66 -3.31 -11.98
CA LEU A 22 -12.68 -3.37 -13.06
C LEU A 22 -11.29 -3.28 -12.46
N PRO A 23 -10.83 -4.35 -11.81
CA PRO A 23 -9.52 -4.30 -11.15
C PRO A 23 -8.40 -4.41 -12.16
N PRO A 24 -7.30 -3.69 -11.93
CA PRO A 24 -6.17 -3.75 -12.87
C PRO A 24 -5.56 -5.14 -12.94
N ALA A 25 -5.14 -5.54 -14.14
CA ALA A 25 -4.51 -6.83 -14.34
C ALA A 25 -3.03 -6.77 -14.03
N ILE A 26 -2.49 -7.90 -13.60
CA ILE A 26 -1.10 -8.01 -13.17
C ILE A 26 -0.47 -9.21 -13.86
N ASP A 27 0.77 -9.05 -14.33
CA ASP A 27 1.53 -10.12 -14.95
C ASP A 27 2.63 -10.56 -13.99
N VAL A 28 2.59 -11.83 -13.59
CA VAL A 28 3.63 -12.43 -12.76
C VAL A 28 4.57 -13.15 -13.72
N ARG A 29 5.66 -12.47 -14.09
CA ARG A 29 6.65 -13.02 -15.00
C ARG A 29 7.47 -14.14 -14.38
N GLU A 30 7.44 -14.28 -13.05
CA GLU A 30 8.23 -15.29 -12.36
C GLU A 30 7.60 -15.52 -10.99
N SER A 31 7.40 -16.79 -10.63
CA SER A 31 6.82 -17.14 -9.32
C SER A 31 7.45 -18.46 -8.88
N ALA A 32 8.69 -18.37 -8.39
CA ALA A 32 9.44 -19.52 -7.95
C ALA A 32 8.95 -20.02 -6.60
N PRO A 33 9.18 -21.30 -6.29
CA PRO A 33 8.81 -21.80 -4.96
C PRO A 33 9.57 -21.06 -3.86
N GLY A 34 8.94 -21.01 -2.68
CA GLY A 34 9.49 -20.30 -1.55
C GLY A 34 8.89 -18.93 -1.32
N THR A 35 8.02 -18.46 -2.21
CA THR A 35 7.35 -17.18 -2.02
C THR A 35 6.56 -17.20 -0.72
N SER A 36 6.72 -16.13 0.07
CA SER A 36 6.09 -16.07 1.38
C SER A 36 4.57 -16.17 1.25
N PRO A 37 3.90 -16.75 2.24
CA PRO A 37 2.43 -16.83 2.21
C PRO A 37 1.81 -15.46 2.45
N GLY A 38 0.50 -15.41 2.28
CA GLY A 38 -0.23 -14.17 2.42
C GLY A 38 -0.58 -13.56 1.07
N TYR A 39 -1.07 -12.34 1.13
CA TYR A 39 -1.52 -11.62 -0.05
C TYR A 39 -0.73 -10.32 -0.19
N VAL A 40 -0.74 -9.78 -1.41
CA VAL A 40 -0.06 -8.53 -1.71
C VAL A 40 -1.07 -7.39 -1.67
N PHE A 41 -0.72 -6.31 -0.98
CA PHE A 41 -1.60 -5.17 -0.82
C PHE A 41 -1.14 -4.05 -1.74
N LEU A 42 -2.06 -3.56 -2.57
CA LEU A 42 -1.76 -2.56 -3.58
C LEU A 42 -2.85 -1.50 -3.58
N ALA A 43 -2.51 -0.33 -4.14
CA ALA A 43 -3.47 0.75 -4.37
C ALA A 43 -3.22 1.30 -5.77
N PRO A 44 -3.65 0.56 -6.81
CA PRO A 44 -3.32 0.96 -8.18
C PRO A 44 -3.90 2.33 -8.53
N LYS A 45 -3.12 3.11 -9.27
CA LYS A 45 -3.53 4.44 -9.71
C LYS A 45 -2.86 4.75 -11.02
N THR A 46 -3.48 5.62 -11.81
CA THR A 46 -2.96 6.00 -13.12
C THR A 46 -2.20 7.33 -13.01
N GLY A 47 -1.14 7.31 -12.22
CA GLY A 47 -0.41 8.56 -11.89
C GLY A 47 -1.17 9.54 -11.01
N ASP A 48 -2.45 9.78 -11.31
CA ASP A 48 -3.28 10.64 -10.47
C ASP A 48 -3.89 9.83 -9.34
N PRO A 53 -9.10 11.13 -15.50
CA PRO A 53 -8.31 10.72 -14.34
C PRO A 53 -7.82 9.29 -14.49
N GLY A 54 -7.41 8.95 -15.72
CA GLY A 54 -6.95 7.63 -16.06
C GLY A 54 -8.00 6.76 -16.72
N THR A 55 -9.28 7.14 -16.63
CA THR A 55 -10.43 6.46 -17.21
C THR A 55 -10.57 5.02 -16.72
N LEU A 56 -9.81 4.64 -15.71
CA LEU A 56 -9.81 3.29 -15.18
C LEU A 56 -9.95 3.36 -13.66
N GLN A 57 -10.52 2.31 -13.08
CA GLN A 57 -10.83 2.33 -11.65
C GLN A 57 -9.57 2.27 -10.82
N SER A 58 -9.64 2.88 -9.63
CA SER A 58 -8.52 2.91 -8.69
C SER A 58 -9.05 2.79 -7.27
N GLY A 59 -8.31 2.07 -6.44
CA GLY A 59 -8.68 1.90 -5.05
C GLY A 59 -7.85 0.82 -4.39
N PRO A 60 -8.12 0.54 -3.12
CA PRO A 60 -7.37 -0.51 -2.42
C PRO A 60 -7.65 -1.87 -3.03
N MET A 61 -6.59 -2.65 -3.22
CA MET A 61 -6.68 -3.95 -3.88
C MET A 61 -5.81 -4.96 -3.15
N ILE A 62 -6.32 -6.18 -3.03
CA ILE A 62 -5.61 -7.31 -2.41
C ILE A 62 -5.54 -8.42 -3.44
N VAL A 63 -4.33 -8.85 -3.79
CA VAL A 63 -4.14 -9.86 -4.81
C VAL A 63 -3.33 -11.01 -4.23
N ASP A 64 -3.33 -12.13 -4.94
CA ASP A 64 -2.58 -13.32 -4.56
C ASP A 64 -1.24 -13.34 -5.30
N ASN A 65 -0.50 -14.44 -5.15
CA ASN A 65 0.82 -14.54 -5.77
C ASN A 65 0.76 -14.62 -7.29
N GLU A 66 -0.39 -14.98 -7.85
CA GLU A 66 -0.59 -14.99 -9.30
C GLU A 66 -1.12 -13.66 -9.83
N GLY A 67 -1.22 -12.64 -8.99
CA GLY A 67 -1.79 -11.37 -9.39
C GLY A 67 -3.29 -11.37 -9.53
N GLU A 68 -3.96 -12.49 -9.27
CA GLU A 68 -5.40 -12.54 -9.34
C GLU A 68 -6.01 -11.77 -8.18
N PRO A 69 -6.99 -10.90 -8.41
CA PRO A 69 -7.54 -10.10 -7.32
C PRO A 69 -8.29 -10.97 -6.31
N VAL A 70 -8.16 -10.59 -5.05
CA VAL A 70 -8.93 -11.18 -3.96
C VAL A 70 -9.96 -10.20 -3.42
N TRP A 71 -9.60 -8.91 -3.36
CA TRP A 71 -10.52 -7.87 -2.93
C TRP A 71 -10.18 -6.61 -3.71
N PHE A 72 -11.22 -5.89 -4.13
CA PHE A 72 -11.03 -4.62 -4.82
C PHE A 72 -12.18 -3.70 -4.46
N LEU A 73 -11.86 -2.47 -4.06
CA LEU A 73 -12.85 -1.49 -3.64
C LEU A 73 -12.62 -0.17 -4.36
N PRO A 74 -13.37 0.10 -5.43
CA PRO A 74 -13.28 1.41 -6.10
C PRO A 74 -13.69 2.56 -5.18
N ARG A 75 -12.72 3.41 -4.81
CA ARG A 75 -13.03 4.61 -4.05
C ARG A 75 -12.32 5.82 -4.63
N GLY A 76 -12.20 5.86 -5.96
CA GLY A 76 -11.69 7.03 -6.65
C GLY A 76 -12.82 7.99 -7.02
N ILE A 77 -12.52 9.28 -6.91
CA ILE A 77 -13.49 10.33 -7.20
C ILE A 77 -12.91 11.24 -8.28
N GLY A 78 -12.66 10.68 -9.46
CA GLY A 78 -12.03 11.46 -10.52
C GLY A 78 -10.61 11.84 -10.13
N ALA A 79 -10.24 13.07 -10.47
CA ALA A 79 -8.91 13.60 -10.16
C ALA A 79 -8.92 14.54 -8.97
N LEU A 80 -10.05 14.72 -8.31
CA LEU A 80 -10.16 15.59 -7.14
C LEU A 80 -9.96 14.84 -5.83
N ASN A 81 -9.91 13.51 -5.86
CA ASN A 81 -9.87 12.71 -4.64
C ASN A 81 -9.58 11.26 -5.01
N TYR A 82 -8.45 10.72 -4.55
CA TYR A 82 -8.00 9.39 -4.94
C TYR A 82 -7.45 8.64 -3.72
N VAL A 83 -7.01 7.41 -3.95
CA VAL A 83 -6.64 6.48 -2.89
C VAL A 83 -5.18 6.06 -3.06
N THR A 84 -4.45 5.99 -1.96
CA THR A 84 -3.06 5.53 -1.98
C THR A 84 -2.67 5.06 -0.59
N ALA A 85 -1.48 4.46 -0.51
CA ALA A 85 -0.87 4.04 0.76
C ALA A 85 -1.71 3.00 1.48
N PHE A 86 -2.08 1.95 0.76
CA PHE A 86 -2.90 0.86 1.29
C PHE A 86 -2.01 -0.18 1.96
N GLN A 87 -2.37 -0.55 3.18
CA GLN A 87 -1.62 -1.57 3.90
C GLN A 87 -2.48 -2.11 5.03
N ARG A 88 -2.00 -3.19 5.64
N ARG A 88 -2.00 -3.18 5.65
CA ARG A 88 -2.64 -3.79 6.81
CA ARG A 88 -2.65 -3.77 6.81
C ARG A 88 -1.94 -3.31 8.08
C ARG A 88 -1.94 -3.32 8.08
N GLN A 89 -2.73 -2.97 9.09
CA GLN A 89 -2.21 -2.55 10.38
C GLN A 89 -2.98 -3.27 11.48
N THR A 90 -2.67 -2.92 12.73
CA THR A 90 -3.28 -3.55 13.89
C THR A 90 -3.85 -2.47 14.81
N TYR A 91 -5.16 -2.53 15.05
CA TYR A 91 -5.84 -1.58 15.93
C TYR A 91 -6.63 -2.34 16.98
N ARG A 92 -6.38 -2.03 18.24
CA ARG A 92 -7.00 -2.73 19.37
C ARG A 92 -6.78 -4.24 19.26
N GLY A 93 -5.58 -4.63 18.85
CA GLY A 93 -5.24 -6.02 18.71
C GLY A 93 -5.89 -6.74 17.56
N GLU A 94 -6.67 -6.04 16.73
CA GLU A 94 -7.35 -6.68 15.61
C GLU A 94 -6.75 -6.22 14.29
N PRO A 95 -6.68 -7.10 13.29
CA PRO A 95 -6.15 -6.71 11.98
C PRO A 95 -7.12 -5.77 11.27
N VAL A 96 -6.59 -4.67 10.74
CA VAL A 96 -7.41 -3.67 10.05
C VAL A 96 -6.73 -3.28 8.75
N LEU A 97 -7.51 -2.65 7.88
CA LEU A 97 -7.02 -2.10 6.61
C LEU A 97 -6.99 -0.59 6.72
N THR A 98 -5.90 0.02 6.25
CA THR A 98 -5.76 1.46 6.25
C THR A 98 -5.35 1.94 4.87
N TRP A 99 -5.91 3.08 4.45
CA TRP A 99 -5.50 3.75 3.24
C TRP A 99 -5.90 5.22 3.35
N TRP A 100 -5.40 6.01 2.40
CA TRP A 100 -5.57 7.46 2.41
C TRP A 100 -6.47 7.88 1.26
N GLU A 101 -7.33 8.87 1.52
CA GLU A 101 -8.21 9.46 0.52
C GLU A 101 -8.17 10.96 0.67
N GLY A 102 -8.01 11.68 -0.43
CA GLY A 102 -7.98 13.13 -0.37
C GLY A 102 -7.59 13.72 -1.72
N ALA A 103 -7.37 15.04 -1.70
CA ALA A 103 -7.10 15.83 -2.90
C ALA A 103 -5.60 16.05 -3.07
N PRO A 104 -5.12 16.02 -4.31
CA PRO A 104 -3.70 16.25 -4.56
C PRO A 104 -3.35 17.73 -4.60
N LEU A 105 -2.06 18.00 -4.44
CA LEU A 105 -1.50 19.34 -4.46
C LEU A 105 -0.36 19.40 -5.46
N PRO A 106 -0.02 20.60 -5.96
CA PRO A 106 1.06 20.70 -6.97
C PRO A 106 2.39 20.15 -6.50
N THR A 107 2.75 20.30 -5.23
CA THR A 107 4.03 19.79 -4.77
C THR A 107 4.08 18.27 -4.67
N GLY A 108 3.00 17.58 -5.04
CA GLY A 108 2.93 16.15 -4.92
C GLY A 108 2.38 15.63 -3.61
N VAL A 109 2.23 16.49 -2.60
CA VAL A 109 1.62 16.09 -1.34
C VAL A 109 0.11 16.17 -1.50
N GLY A 110 -0.64 15.77 -0.47
CA GLY A 110 -2.08 15.75 -0.55
C GLY A 110 -2.72 16.22 0.75
N VAL A 111 -4.01 16.51 0.66
CA VAL A 111 -4.83 16.89 1.81
C VAL A 111 -5.99 15.91 1.88
N GLY A 112 -6.02 15.08 2.92
CA GLY A 112 -7.07 14.11 3.05
C GLY A 112 -7.18 13.47 4.42
N TYR A 113 -7.63 12.22 4.45
CA TYR A 113 -7.86 11.49 5.68
C TYR A 113 -7.52 10.03 5.46
N TRP A 114 -7.49 9.27 6.55
CA TRP A 114 -7.14 7.86 6.53
C TRP A 114 -8.33 7.03 6.97
N VAL A 115 -8.68 6.03 6.16
CA VAL A 115 -9.79 5.13 6.46
C VAL A 115 -9.26 3.92 7.21
N VAL A 116 -9.96 3.51 8.27
CA VAL A 116 -9.64 2.32 9.02
C VAL A 116 -10.82 1.36 8.91
N MET A 117 -10.58 0.18 8.36
CA MET A 117 -11.62 -0.77 8.03
C MET A 117 -11.26 -2.15 8.57
N ASP A 118 -12.26 -2.89 9.05
CA ASP A 118 -12.02 -4.15 9.73
C ASP A 118 -12.06 -5.32 8.75
N GLN A 119 -11.96 -6.54 9.28
CA GLN A 119 -11.96 -7.74 8.45
C GLN A 119 -13.30 -7.99 7.76
N SER A 120 -14.38 -7.40 8.26
CA SER A 120 -15.68 -7.50 7.60
C SER A 120 -15.89 -6.42 6.54
N TYR A 121 -14.84 -5.64 6.24
CA TYR A 121 -14.83 -4.66 5.16
C TYR A 121 -15.79 -3.50 5.39
N ARG A 122 -16.01 -3.13 6.65
N ARG A 122 -16.01 -3.12 6.66
CA ARG A 122 -16.78 -1.93 7.00
CA ARG A 122 -16.78 -1.93 7.00
C ARG A 122 -15.86 -0.95 7.71
C ARG A 122 -15.88 -0.94 7.72
N GLU A 123 -16.10 0.34 7.48
CA GLU A 123 -15.30 1.37 8.11
C GLU A 123 -15.60 1.44 9.61
N ILE A 124 -14.55 1.33 10.42
CA ILE A 124 -14.69 1.41 11.87
C ILE A 124 -14.09 2.69 12.44
N ALA A 125 -13.30 3.42 11.68
CA ALA A 125 -12.67 4.64 12.16
C ALA A 125 -12.19 5.46 10.96
N ARG A 126 -11.96 6.75 11.22
CA ARG A 126 -11.42 7.66 10.21
C ARG A 126 -10.44 8.59 10.92
N ILE A 127 -9.20 8.59 10.47
CA ILE A 127 -8.12 9.33 11.13
C ILE A 127 -7.87 10.60 10.34
N ARG A 128 -8.08 11.74 10.97
CA ARG A 128 -7.87 13.04 10.37
C ARG A 128 -6.80 13.81 11.11
N ALA A 129 -6.31 14.87 10.48
CA ALA A 129 -5.35 15.74 11.13
C ALA A 129 -6.03 16.49 12.28
N GLY A 130 -5.21 17.04 13.17
CA GLY A 130 -5.72 17.79 14.29
C GLY A 130 -6.39 19.08 13.85
N LYS A 131 -7.04 19.72 14.81
CA LYS A 131 -7.73 20.97 14.55
C LYS A 131 -6.74 22.06 14.15
N GLY A 132 -7.17 22.94 13.25
CA GLY A 132 -6.34 24.01 12.75
C GLY A 132 -5.57 23.68 11.48
N HIS A 133 -5.73 22.48 10.95
CA HIS A 133 -5.03 22.06 9.74
C HIS A 133 -6.04 21.49 8.75
N ALA A 134 -5.78 21.70 7.46
CA ALA A 134 -6.75 21.32 6.44
C ALA A 134 -6.91 19.80 6.35
N GLY A 135 -5.82 19.06 6.50
CA GLY A 135 -5.90 17.62 6.42
C GLY A 135 -4.53 16.99 6.57
N ALA A 136 -4.51 15.67 6.39
CA ALA A 136 -3.29 14.88 6.53
C ALA A 136 -2.70 14.57 5.16
N ASP A 137 -1.38 14.41 5.15
CA ASP A 137 -0.68 14.10 3.91
C ASP A 137 -0.79 12.60 3.61
N LEU A 138 -0.60 12.27 2.33
CA LEU A 138 -0.80 10.91 1.83
C LEU A 138 0.40 10.00 2.04
N HIS A 139 1.56 10.52 2.41
CA HIS A 139 2.78 9.74 2.26
C HIS A 139 2.92 8.63 3.31
N ASP A 140 2.45 8.84 4.53
CA ASP A 140 2.52 7.75 5.50
C ASP A 140 1.55 8.01 6.65
N MET A 141 1.18 6.93 7.32
CA MET A 141 0.42 6.97 8.56
C MET A 141 0.63 5.64 9.26
N GLN A 142 0.86 5.69 10.58
CA GLN A 142 1.24 4.51 11.33
C GLN A 142 0.39 4.39 12.59
N ILE A 143 -0.27 3.24 12.75
CA ILE A 143 -0.98 2.93 13.99
C ILE A 143 0.00 2.29 14.96
N THR A 144 0.13 2.88 16.14
CA THR A 144 1.04 2.41 17.17
C THR A 144 0.39 1.33 18.02
N PRO A 145 1.18 0.54 18.74
CA PRO A 145 0.58 -0.42 19.70
C PRO A 145 -0.18 0.25 20.84
N ASP A 146 -0.05 1.57 21.00
CA ASP A 146 -0.79 2.32 22.00
C ASP A 146 -2.14 2.82 21.49
N ASN A 147 -2.61 2.29 20.36
CA ASN A 147 -3.86 2.73 19.74
C ASN A 147 -3.84 4.23 19.46
N THR A 148 -2.69 4.72 18.98
CA THR A 148 -2.54 6.11 18.57
C THR A 148 -2.18 6.16 17.10
N ALA A 149 -2.24 7.35 16.52
CA ALA A 149 -2.04 7.56 15.10
C ALA A 149 -0.91 8.55 14.87
N LEU A 150 0.13 8.11 14.17
CA LEU A 150 1.15 9.01 13.65
C LEU A 150 0.68 9.51 12.29
N VAL A 151 0.25 10.78 12.23
CA VAL A 151 -0.24 11.37 11.00
C VAL A 151 0.70 12.48 10.58
N LEU A 152 0.78 12.70 9.27
CA LEU A 152 1.66 13.72 8.69
C LEU A 152 0.80 14.84 8.12
N ILE A 153 1.06 16.05 8.58
CA ILE A 153 0.40 17.25 8.07
C ILE A 153 1.42 18.02 7.22
N ALA A 154 1.01 18.40 6.03
CA ALA A 154 1.83 19.26 5.17
C ALA A 154 1.02 20.52 4.87
N GLU A 155 1.40 21.63 5.50
CA GLU A 155 0.69 22.87 5.29
C GLU A 155 1.69 23.98 4.95
N PRO A 156 1.39 24.84 3.98
CA PRO A 156 2.31 25.92 3.66
C PRO A 156 2.36 26.95 4.77
N GLN A 157 3.56 27.47 5.01
CA GLN A 157 3.78 28.48 6.03
C GLN A 157 4.79 29.50 5.53
N LEU A 158 4.64 30.73 6.03
CA LEU A 158 5.58 31.79 5.70
C LEU A 158 6.79 31.69 6.62
N HIS A 159 7.98 31.60 6.04
CA HIS A 159 9.20 31.39 6.81
C HIS A 159 10.31 32.24 6.24
N ARG A 160 11.04 32.93 7.11
CA ARG A 160 12.10 33.84 6.70
C ARG A 160 13.37 33.04 6.44
N VAL A 161 13.79 32.96 5.18
CA VAL A 161 15.05 32.36 4.80
C VAL A 161 15.91 33.43 4.16
N ASP A 162 17.21 33.45 4.52
CA ASP A 162 18.17 34.42 4.02
C ASP A 162 17.67 35.85 4.18
N GLY A 163 16.83 36.09 5.19
CA GLY A 163 16.19 37.38 5.37
C GLY A 163 14.98 37.62 4.50
N HIS A 164 14.79 36.84 3.44
CA HIS A 164 13.62 36.96 2.58
C HIS A 164 12.48 36.14 3.13
N ALA A 165 11.28 36.72 3.14
CA ALA A 165 10.08 35.97 3.48
C ALA A 165 9.67 35.14 2.27
N ARG A 166 9.67 33.83 2.43
N ARG A 166 9.66 33.82 2.42
CA ARG A 166 9.32 32.89 1.38
CA ARG A 166 9.28 32.93 1.34
C ARG A 166 8.19 31.99 1.86
C ARG A 166 8.25 31.93 1.85
N LEU A 167 7.58 31.27 0.91
CA LEU A 167 6.55 30.29 1.22
C LEU A 167 7.19 28.89 1.18
N VAL A 168 7.16 28.18 2.32
CA VAL A 168 7.77 26.87 2.40
C VAL A 168 6.70 25.84 2.77
N MET A 169 7.01 24.59 2.45
CA MET A 169 6.09 23.46 2.69
C MET A 169 6.48 22.82 4.02
N ASN A 170 5.82 23.25 5.08
CA ASN A 170 6.13 22.75 6.41
C ASN A 170 5.49 21.39 6.65
N ASN A 171 6.18 20.56 7.41
CA ASN A 171 5.71 19.22 7.77
C ASN A 171 5.51 19.14 9.28
N ILE A 172 4.33 18.70 9.69
CA ILE A 172 3.99 18.51 11.10
C ILE A 172 3.63 17.05 11.30
N VAL A 173 4.24 16.41 12.28
CA VAL A 173 3.93 15.03 12.65
C VAL A 173 3.15 15.06 13.95
N GLN A 174 1.92 14.55 13.92
CA GLN A 174 1.05 14.52 15.09
C GLN A 174 0.82 13.09 15.54
N GLU A 175 0.78 12.91 16.86
CA GLU A 175 0.37 11.65 17.46
C GLU A 175 -1.03 11.83 18.04
N ILE A 176 -2.00 11.11 17.48
CA ILE A 176 -3.41 11.36 17.74
C ILE A 176 -4.05 10.08 18.27
N ASP A 177 -4.79 10.20 19.37
CA ASP A 177 -5.59 9.08 19.86
C ASP A 177 -6.71 8.78 18.87
N ILE A 178 -6.90 7.49 18.57
CA ILE A 178 -7.87 7.11 17.56
C ILE A 178 -9.30 7.37 18.04
N ALA A 179 -9.59 6.99 19.29
CA ALA A 179 -10.96 7.02 19.78
C ALA A 179 -11.46 8.44 19.95
N SER A 180 -10.61 9.34 20.46
CA SER A 180 -11.03 10.71 20.76
C SER A 180 -10.60 11.72 19.71
N GLY A 181 -9.60 11.40 18.89
CA GLY A 181 -9.10 12.35 17.92
C GLY A 181 -8.26 13.48 18.50
N THR A 182 -8.00 13.47 19.80
CA THR A 182 -7.22 14.53 20.42
C THR A 182 -5.74 14.38 20.05
N VAL A 183 -5.09 15.52 19.81
CA VAL A 183 -3.66 15.53 19.49
C VAL A 183 -2.88 15.40 20.79
N LEU A 184 -2.05 14.36 20.88
CA LEU A 184 -1.24 14.14 22.07
C LEU A 184 0.18 14.67 21.93
N HIS A 185 0.76 14.62 20.73
CA HIS A 185 2.08 15.17 20.49
C HIS A 185 2.10 15.82 19.11
N GLU A 186 2.97 16.81 18.97
CA GLU A 186 3.09 17.56 17.73
C GLU A 186 4.55 17.92 17.50
N TRP A 187 5.03 17.68 16.28
CA TRP A 187 6.43 17.92 15.93
C TRP A 187 6.48 18.76 14.66
N ASP A 188 6.97 19.99 14.78
CA ASP A 188 7.09 20.91 13.65
C ASP A 188 8.48 20.78 13.03
N SER A 189 8.53 20.53 11.72
CA SER A 189 9.81 20.30 11.06
C SER A 189 10.61 21.59 10.93
N LEU A 190 9.94 22.71 10.64
CA LEU A 190 10.63 23.99 10.59
C LEU A 190 11.22 24.37 11.94
N ARG A 191 10.78 23.69 13.00
CA ARG A 191 11.23 23.96 14.36
C ARG A 191 12.52 23.21 14.71
N HIS A 192 12.88 22.19 13.95
CA HIS A 192 14.07 21.39 14.25
C HIS A 192 14.98 21.27 13.05
N VAL A 193 14.40 21.27 11.85
CA VAL A 193 15.17 21.12 10.60
C VAL A 193 15.18 22.47 9.89
N ASP A 194 16.39 22.92 9.54
CA ASP A 194 16.54 24.14 8.76
C ASP A 194 16.22 23.90 7.29
N VAL A 195 15.91 25.00 6.60
CA VAL A 195 15.57 24.93 5.18
C VAL A 195 16.81 24.62 4.34
N ASP A 196 17.94 25.25 4.64
CA ASP A 196 19.11 25.08 3.78
C ASP A 196 19.72 23.68 3.88
N GLU A 197 19.13 22.77 4.66
CA GLU A 197 19.51 21.37 4.64
C GLU A 197 18.95 20.63 3.42
N SER A 198 18.06 21.27 2.66
CA SER A 198 17.39 20.63 1.54
C SER A 198 18.31 20.55 0.32
N TYR A 199 18.03 19.56 -0.53
CA TYR A 199 18.72 19.40 -1.80
C TYR A 199 17.89 19.87 -2.99
N LEU A 200 16.61 20.17 -2.79
CA LEU A 200 15.72 20.46 -3.90
C LEU A 200 15.91 21.90 -4.37
N SER A 201 15.97 22.09 -5.69
CA SER A 201 16.05 23.43 -6.25
C SER A 201 14.77 24.19 -5.95
N SER A 202 14.88 25.51 -5.86
CA SER A 202 13.78 26.36 -5.47
C SER A 202 12.97 26.79 -6.69
N ILE A 203 11.67 26.55 -6.66
CA ILE A 203 10.76 27.13 -7.64
C ILE A 203 10.22 28.42 -7.05
N PRO A 204 10.27 29.54 -7.78
CA PRO A 204 9.95 30.83 -7.16
C PRO A 204 8.49 30.99 -6.75
N LEU A 205 7.57 30.27 -7.38
CA LEU A 205 6.16 30.43 -7.09
C LEU A 205 5.56 29.31 -6.25
N LEU A 206 6.09 28.10 -6.36
CA LEU A 206 5.57 26.97 -5.61
C LEU A 206 6.11 26.99 -4.18
N PRO A 207 5.31 26.53 -3.21
CA PRO A 207 5.84 26.38 -1.84
C PRO A 207 7.04 25.45 -1.82
N TYR A 208 8.11 25.91 -1.19
CA TYR A 208 9.38 25.19 -1.17
C TYR A 208 9.24 23.95 -0.30
N ASP A 209 9.11 22.79 -0.94
CA ASP A 209 9.00 21.50 -0.23
C ASP A 209 10.40 21.07 0.17
N TYR A 210 10.87 21.56 1.32
CA TYR A 210 12.29 21.46 1.67
C TYR A 210 12.65 20.12 2.31
N VAL A 211 11.81 19.55 3.17
CA VAL A 211 12.11 18.29 3.83
C VAL A 211 11.34 17.12 3.22
N HIS A 212 10.03 17.28 3.05
CA HIS A 212 9.18 16.29 2.39
C HIS A 212 9.28 14.93 3.07
N ILE A 213 8.77 14.89 4.31
CA ILE A 213 8.72 13.65 5.05
C ILE A 213 7.78 12.67 4.35
N ASN A 214 8.20 11.42 4.24
CA ASN A 214 7.37 10.41 3.59
C ASN A 214 7.31 9.10 4.35
N SER A 215 7.81 9.05 5.59
CA SER A 215 7.75 7.82 6.37
C SER A 215 7.88 8.17 7.85
N MET A 216 7.16 7.43 8.69
CA MET A 216 7.24 7.59 10.14
C MET A 216 7.24 6.21 10.76
N SER A 217 8.24 5.92 11.58
CA SER A 217 8.35 4.62 12.23
C SER A 217 8.78 4.81 13.67
N VAL A 218 8.43 3.85 14.51
CA VAL A 218 8.80 3.85 15.92
C VAL A 218 9.93 2.85 16.10
N ASP A 219 11.08 3.36 16.55
CA ASP A 219 12.23 2.51 16.78
C ASP A 219 12.00 1.64 18.01
N THR A 220 12.95 0.74 18.26
CA THR A 220 12.81 -0.20 19.38
C THR A 220 12.80 0.52 20.73
N ASP A 221 13.50 1.65 20.83
CA ASP A 221 13.55 2.41 22.08
C ASP A 221 12.35 3.34 22.25
N GLY A 222 11.42 3.36 21.30
CA GLY A 222 10.25 4.21 21.38
C GLY A 222 10.37 5.54 20.67
N ASN A 223 11.57 5.93 20.25
CA ASN A 223 11.75 7.18 19.53
C ASN A 223 11.28 7.04 18.08
N LEU A 224 11.23 8.16 17.38
CA LEU A 224 10.64 8.24 16.04
C LEU A 224 11.72 8.27 14.97
N LEU A 225 11.45 7.61 13.85
CA LEU A 225 12.33 7.61 12.69
C LEU A 225 11.57 8.26 11.53
N LEU A 226 12.01 9.44 11.11
CA LEU A 226 11.35 10.21 10.07
C LEU A 226 12.25 10.28 8.84
N SER A 227 11.69 9.97 7.68
CA SER A 227 12.42 9.94 6.41
C SER A 227 12.16 11.24 5.65
N GLY A 228 13.19 12.08 5.54
CA GLY A 228 13.09 13.28 4.73
C GLY A 228 13.58 13.05 3.31
N ARG A 229 12.69 13.16 2.34
CA ARG A 229 13.05 12.83 0.97
C ARG A 229 13.94 13.90 0.35
N ASN A 230 13.55 15.17 0.46
CA ASN A 230 14.29 16.24 -0.18
C ASN A 230 15.51 16.71 0.60
N THR A 231 15.72 16.19 1.81
CA THR A 231 16.96 16.42 2.52
C THR A 231 17.88 15.20 2.49
N HIS A 232 17.43 14.09 1.89
CA HIS A 232 18.21 12.87 1.80
C HIS A 232 18.64 12.36 3.17
N ALA A 233 17.82 12.61 4.19
CA ALA A 233 18.21 12.37 5.57
C ALA A 233 17.11 11.63 6.33
N VAL A 234 17.52 10.86 7.32
CA VAL A 234 16.63 10.19 8.25
C VAL A 234 16.87 10.78 9.63
N TYR A 235 15.79 11.20 10.29
CA TYR A 235 15.88 11.86 11.58
C TYR A 235 15.34 10.96 12.68
N LYS A 236 16.13 10.77 13.73
CA LYS A 236 15.67 10.10 14.94
C LYS A 236 15.24 11.16 15.95
N VAL A 237 13.95 11.18 16.26
CA VAL A 237 13.35 12.21 17.08
C VAL A 237 12.89 11.61 18.41
N ASP A 238 13.19 12.31 19.50
CA ASP A 238 12.67 11.91 20.81
C ASP A 238 11.15 11.96 20.81
N ARG A 239 10.54 10.91 21.38
CA ARG A 239 9.08 10.79 21.33
C ARG A 239 8.37 11.92 22.06
N HIS A 240 8.97 12.44 23.14
CA HIS A 240 8.33 13.44 23.98
C HIS A 240 8.91 14.83 23.78
N SER A 241 10.22 15.00 23.98
CA SER A 241 10.82 16.32 23.87
C SER A 241 10.90 16.82 22.43
N GLY A 242 10.81 15.91 21.45
CA GLY A 242 10.88 16.30 20.06
C GLY A 242 12.26 16.65 19.56
N ASP A 243 13.30 16.51 20.39
CA ASP A 243 14.65 16.82 19.95
C ASP A 243 15.14 15.78 18.95
N ILE A 244 15.98 16.23 18.02
CA ILE A 244 16.57 15.34 17.04
C ILE A 244 17.76 14.62 17.67
N ILE A 245 17.67 13.29 17.74
CA ILE A 245 18.75 12.51 18.35
C ILE A 245 19.96 12.46 17.41
N TRP A 246 19.74 12.05 16.16
CA TRP A 246 20.81 12.12 15.17
C TRP A 246 20.21 12.24 13.78
N ARG A 247 21.06 12.61 12.83
CA ARG A 247 20.71 12.69 11.42
C ARG A 247 21.54 11.68 10.64
N LEU A 248 20.87 10.88 9.82
CA LEU A 248 21.51 9.88 8.99
C LEU A 248 21.38 10.32 7.53
N GLY A 249 22.50 10.73 6.94
CA GLY A 249 22.50 11.26 5.60
C GLY A 249 22.26 12.76 5.57
N GLY A 250 22.49 13.34 4.41
CA GLY A 250 22.22 14.75 4.18
C GLY A 250 23.42 15.64 4.44
N LYS A 251 23.13 16.93 4.51
CA LYS A 251 24.15 17.95 4.68
C LYS A 251 24.71 17.98 6.09
N LYS A 252 23.92 17.60 7.08
CA LYS A 252 24.35 17.50 8.47
C LYS A 252 24.24 16.02 8.88
N ASN A 253 25.12 15.21 8.31
CA ASN A 253 25.10 13.78 8.55
C ASN A 253 25.98 13.45 9.75
N ASP A 254 25.44 12.68 10.69
CA ASP A 254 26.16 12.31 11.90
C ASP A 254 27.00 11.05 11.75
N PHE A 255 26.85 10.31 10.65
CA PHE A 255 27.49 9.02 10.48
C PHE A 255 28.43 9.03 9.29
N THR A 256 29.46 8.18 9.36
CA THR A 256 30.38 8.00 8.25
C THR A 256 29.79 7.01 7.25
N MET A 257 29.74 7.40 5.98
CA MET A 257 29.11 6.61 4.93
C MET A 257 30.17 6.01 4.02
N ALA A 258 29.95 4.76 3.59
CA ALA A 258 30.83 4.14 2.61
C ALA A 258 30.49 4.65 1.22
N ALA A 259 30.90 3.91 0.20
CA ALA A 259 30.63 4.31 -1.18
C ALA A 259 29.14 4.26 -1.47
N GLY A 260 28.55 3.06 -1.45
CA GLY A 260 27.16 2.90 -1.83
C GLY A 260 26.21 2.90 -0.65
N ALA A 261 26.66 3.44 0.49
CA ALA A 261 25.79 3.53 1.65
C ALA A 261 24.94 4.79 1.64
N SER A 262 25.38 5.84 0.94
CA SER A 262 24.61 7.07 0.89
C SER A 262 23.41 6.90 -0.03
N PHE A 263 22.25 7.35 0.45
CA PHE A 263 21.02 7.30 -0.32
C PHE A 263 20.58 8.71 -0.69
N ALA A 264 19.62 8.80 -1.61
CA ALA A 264 19.11 10.08 -2.06
C ALA A 264 17.65 9.93 -2.47
N TRP A 265 16.84 10.92 -2.08
CA TRP A 265 15.41 10.95 -2.39
C TRP A 265 14.71 9.66 -1.93
N GLN A 266 15.04 9.23 -0.72
CA GLN A 266 14.64 7.89 -0.27
C GLN A 266 13.22 7.83 0.31
N HS8 A 267 12.70 6.61 0.42
CA HS8 A 267 11.38 6.35 0.99
CB HS8 A 267 10.37 6.00 -0.11
CG HS8 A 267 10.00 7.11 -1.00
ND1 HS8 A 267 10.84 7.55 -1.99
CE1 HS8 A 267 10.29 8.55 -2.66
NE2 HS8 A 267 9.09 8.76 -2.13
CD2 HS8 A 267 8.89 7.89 -1.10
C HS8 A 267 11.43 5.21 2.01
O HS8 A 267 12.41 4.47 2.07
O3 HS8 A 267 6.68 9.25 -2.74
S HS8 A 267 7.91 10.01 -2.65
O1 HS8 A 267 8.48 10.46 -3.91
O2 HS8 A 267 8.02 10.93 -1.52
N ASP A 268 10.36 5.09 2.79
CA ASP A 268 10.07 3.91 3.61
C ASP A 268 11.26 3.44 4.47
N VAL A 269 11.43 4.08 5.63
CA VAL A 269 12.53 3.79 6.54
C VAL A 269 11.97 3.21 7.83
N SER A 270 12.54 2.10 8.29
CA SER A 270 12.06 1.45 9.50
C SER A 270 13.18 0.61 10.10
N ARG A 271 13.03 0.32 11.39
CA ARG A 271 13.93 -0.57 12.10
C ARG A 271 13.41 -2.00 12.02
N GLU A 272 14.29 -2.92 11.65
CA GLU A 272 13.89 -4.31 11.42
C GLU A 272 14.29 -5.19 12.60
N GLY A 273 13.77 -6.41 12.59
CA GLY A 273 13.99 -7.32 13.71
C GLY A 273 15.44 -7.73 13.89
N ASP A 274 16.18 -7.86 12.80
CA ASP A 274 17.59 -8.21 12.90
C ASP A 274 18.46 -7.06 13.38
N GLY A 275 17.90 -5.86 13.51
CA GLY A 275 18.62 -4.71 14.01
C GLY A 275 19.03 -3.70 12.95
N THR A 276 18.98 -4.09 11.67
CA THR A 276 19.35 -3.19 10.60
C THR A 276 18.25 -2.15 10.37
N LEU A 277 18.62 -1.08 9.66
CA LEU A 277 17.71 -0.01 9.30
C LEU A 277 17.42 -0.13 7.81
N SER A 278 16.14 -0.28 7.46
CA SER A 278 15.72 -0.44 6.08
C SER A 278 15.45 0.93 5.46
N VAL A 279 15.96 1.12 4.24
CA VAL A 279 15.82 2.39 3.52
C VAL A 279 15.65 2.07 2.04
N PHE A 280 14.56 2.55 1.44
CA PHE A 280 14.36 2.39 0.00
C PHE A 280 15.03 3.56 -0.70
N ASP A 281 16.22 3.29 -1.27
CA ASP A 281 17.01 4.33 -1.93
C ASP A 281 16.54 4.47 -3.37
N ASN A 282 15.62 5.43 -3.59
CA ASN A 282 15.23 5.78 -4.95
C ASN A 282 16.42 6.29 -5.74
N ALA A 283 17.28 7.08 -5.09
CA ALA A 283 18.58 7.48 -5.63
C ALA A 283 18.47 8.39 -6.84
N ALA A 284 17.28 8.90 -7.14
CA ALA A 284 17.10 9.76 -8.31
C ALA A 284 15.80 10.55 -8.20
N ALA A 285 15.68 11.53 -9.09
CA ALA A 285 14.46 12.29 -9.28
C ALA A 285 14.31 12.56 -10.77
N GLY A 286 13.21 13.21 -11.14
CA GLY A 286 12.90 13.42 -12.54
C GLY A 286 13.48 14.70 -13.12
N SER A 287 14.80 14.78 -13.17
CA SER A 287 15.49 15.90 -13.82
C SER A 287 15.31 17.19 -13.03
N ILE A 288 14.57 17.13 -11.92
CA ILE A 288 14.41 18.29 -11.05
C ILE A 288 14.44 17.87 -9.57
N ALA A 294 20.47 12.49 -12.02
CA ALA A 294 21.08 11.23 -11.60
C ALA A 294 22.14 10.78 -12.62
N PRO A 295 23.26 10.26 -12.12
CA PRO A 295 24.33 9.78 -13.01
C PRO A 295 23.83 8.65 -13.89
N PRO A 296 24.16 8.67 -15.18
CA PRO A 296 23.66 7.62 -16.08
C PRO A 296 24.13 6.24 -15.64
N GLY A 297 23.17 5.34 -15.45
CA GLY A 297 23.43 3.97 -15.06
C GLY A 297 22.94 3.62 -13.67
N THR A 298 22.61 4.61 -12.86
CA THR A 298 22.15 4.33 -11.51
C THR A 298 20.81 3.62 -11.52
N VAL A 299 20.58 2.80 -10.49
CA VAL A 299 19.32 2.10 -10.33
C VAL A 299 18.87 2.26 -8.89
N SER A 300 17.55 2.25 -8.69
CA SER A 300 17.01 2.21 -7.34
C SER A 300 17.37 0.89 -6.68
N ARG A 301 17.52 0.93 -5.36
CA ARG A 301 17.97 -0.26 -4.64
C ARG A 301 17.33 -0.31 -3.26
N ALA A 302 17.07 -1.52 -2.80
CA ALA A 302 16.53 -1.77 -1.47
C ALA A 302 17.67 -1.98 -0.49
N LEU A 303 17.78 -1.08 0.50
CA LEU A 303 18.94 -1.01 1.38
C LEU A 303 18.61 -1.50 2.78
N PHE A 304 19.47 -2.38 3.31
CA PHE A 304 19.52 -2.70 4.72
C PHE A 304 20.86 -2.25 5.27
N LEU A 305 20.83 -1.31 6.22
CA LEU A 305 22.04 -0.68 6.74
C LEU A 305 22.23 -1.03 8.21
N SER A 306 23.47 -1.31 8.59
CA SER A 306 23.84 -1.46 10.00
C SER A 306 24.44 -0.16 10.49
N VAL A 307 23.81 0.43 11.51
CA VAL A 307 24.23 1.72 12.06
C VAL A 307 24.84 1.48 13.44
N ASP A 308 25.99 2.09 13.67
CA ASP A 308 26.72 1.99 14.94
C ASP A 308 26.64 3.35 15.60
N THR A 309 25.77 3.48 16.61
CA THR A 309 25.60 4.77 17.27
C THR A 309 26.83 5.15 18.09
N GLU A 310 27.62 4.17 18.53
CA GLU A 310 28.80 4.49 19.33
C GLU A 310 29.90 5.11 18.47
N ALA A 311 30.22 4.48 17.35
CA ALA A 311 31.24 4.99 16.44
C ALA A 311 30.69 5.97 15.42
N ARG A 312 29.37 6.15 15.37
CA ARG A 312 28.72 7.03 14.39
C ARG A 312 29.13 6.65 12.96
N THR A 313 28.86 5.39 12.62
CA THR A 313 29.13 4.87 11.29
C THR A 313 27.92 4.05 10.85
N ALA A 314 27.81 3.86 9.54
CA ALA A 314 26.70 3.09 8.98
C ALA A 314 27.15 2.48 7.66
N ARG A 315 27.04 1.16 7.53
CA ARG A 315 27.46 0.44 6.34
C ARG A 315 26.30 -0.37 5.78
N VAL A 316 26.47 -0.82 4.54
CA VAL A 316 25.45 -1.60 3.85
C VAL A 316 25.54 -3.04 4.32
N ASP A 317 24.49 -3.53 4.99
CA ASP A 317 24.42 -4.94 5.32
C ASP A 317 24.16 -5.78 4.07
N ARG A 318 23.10 -5.44 3.34
CA ARG A 318 22.77 -6.10 2.09
C ARG A 318 21.84 -5.20 1.30
N SER A 319 21.85 -5.39 -0.02
CA SER A 319 21.05 -4.57 -0.92
C SER A 319 20.40 -5.45 -1.97
N TYR A 320 19.26 -4.97 -2.50
CA TYR A 320 18.48 -5.70 -3.49
C TYR A 320 18.14 -4.76 -4.64
N THR A 321 18.53 -5.13 -5.85
CA THR A 321 18.29 -4.34 -7.05
C THR A 321 17.24 -5.02 -7.91
N SER A 322 16.64 -4.23 -8.80
CA SER A 322 15.57 -4.76 -9.65
C SER A 322 16.16 -5.60 -10.77
N PRO A 323 15.54 -6.75 -11.08
CA PRO A 323 16.00 -7.54 -12.24
C PRO A 323 15.75 -6.84 -13.56
N ASP A 324 14.88 -5.84 -13.59
CA ASP A 324 14.57 -5.09 -14.80
C ASP A 324 15.37 -3.79 -14.89
N GLY A 325 16.30 -3.56 -13.98
CA GLY A 325 17.13 -2.37 -14.00
C GLY A 325 16.33 -1.09 -13.87
N LEU A 326 15.46 -1.03 -12.87
CA LEU A 326 14.55 0.08 -12.70
C LEU A 326 15.16 1.18 -11.84
N LEU A 327 14.76 2.43 -12.14
CA LEU A 327 15.18 3.62 -11.40
C LEU A 327 13.91 4.39 -11.05
N SER A 328 13.34 4.11 -9.87
CA SER A 328 12.10 4.73 -9.44
C SER A 328 12.38 6.17 -8.99
N THR A 329 11.89 7.14 -9.75
CA THR A 329 12.11 8.55 -9.42
C THR A 329 11.24 9.03 -8.26
N SER A 330 10.28 8.23 -7.81
CA SER A 330 9.43 8.59 -6.68
C SER A 330 8.79 7.33 -6.13
N GLN A 331 8.19 7.47 -4.95
CA GLN A 331 7.46 6.39 -4.29
C GLN A 331 8.33 5.18 -4.02
N GLY A 332 7.73 4.03 -3.77
CA GLY A 332 8.46 2.81 -3.50
C GLY A 332 8.31 2.35 -2.06
N SER A 333 8.61 1.08 -1.85
CA SER A 333 8.49 0.48 -0.52
C SER A 333 9.37 -0.75 -0.43
N MET A 334 9.69 -1.15 0.81
CA MET A 334 10.41 -2.38 1.07
C MET A 334 9.88 -3.02 2.34
N GLN A 335 10.05 -4.33 2.44
CA GLN A 335 9.48 -5.08 3.56
C GLN A 335 10.30 -6.33 3.81
N LEU A 336 10.67 -6.56 5.07
CA LEU A 336 11.32 -7.78 5.49
C LEU A 336 10.25 -8.76 5.95
N LEU A 337 10.15 -9.90 5.28
CA LEU A 337 9.12 -10.88 5.56
C LEU A 337 9.59 -11.88 6.60
N PRO A 338 8.65 -12.53 7.31
CA PRO A 338 9.06 -13.42 8.41
C PRO A 338 9.97 -14.56 8.00
N ASN A 339 9.82 -15.10 6.79
CA ASN A 339 10.69 -16.17 6.34
C ASN A 339 12.05 -15.67 5.88
N GLY A 340 12.32 -14.37 5.97
CA GLY A 340 13.57 -13.80 5.52
C GLY A 340 13.52 -13.19 4.14
N ASN A 341 12.43 -13.39 3.41
CA ASN A 341 12.28 -12.80 2.09
C ASN A 341 12.20 -11.27 2.19
N VAL A 342 12.48 -10.62 1.07
CA VAL A 342 12.41 -9.16 0.96
C VAL A 342 11.47 -8.84 -0.20
N LEU A 343 10.37 -8.16 0.11
CA LEU A 343 9.43 -7.69 -0.91
C LEU A 343 9.66 -6.21 -1.16
N VAL A 344 9.85 -5.84 -2.42
CA VAL A 344 10.14 -4.47 -2.81
C VAL A 344 9.05 -4.00 -3.77
N GLY A 345 8.52 -2.81 -3.50
CA GLY A 345 7.63 -2.12 -4.44
C GLY A 345 8.39 -1.00 -5.11
N TRP A 346 8.34 -0.99 -6.44
CA TRP A 346 9.16 -0.06 -7.21
C TRP A 346 8.46 1.26 -7.49
N GLY A 347 7.38 1.56 -6.76
CA GLY A 347 6.77 2.88 -6.78
C GLY A 347 6.34 3.42 -8.12
N SER A 348 7.10 4.39 -8.64
CA SER A 348 6.74 5.01 -9.92
C SER A 348 6.69 3.99 -11.05
N HIS A 349 7.56 2.99 -11.00
CA HIS A 349 7.47 1.86 -11.92
C HIS A 349 6.46 0.86 -11.38
N GLY A 350 5.55 0.41 -12.25
CA GLY A 350 4.49 -0.49 -11.82
C GLY A 350 4.95 -1.92 -11.66
N TYR A 351 6.01 -2.12 -10.88
CA TYR A 351 6.56 -3.45 -10.64
C TYR A 351 6.65 -3.70 -9.14
N TYR A 352 6.70 -4.97 -8.76
CA TYR A 352 7.09 -5.34 -7.41
C TYR A 352 7.76 -6.71 -7.45
N THR A 353 8.79 -6.87 -6.63
CA THR A 353 9.65 -8.03 -6.67
C THR A 353 9.90 -8.55 -5.26
N GLU A 354 9.77 -9.87 -5.09
CA GLU A 354 10.09 -10.53 -3.81
C GLU A 354 11.33 -11.38 -4.00
N TYR A 355 12.35 -11.12 -3.17
CA TYR A 355 13.63 -11.81 -3.22
C TYR A 355 13.78 -12.72 -2.01
N ALA A 356 14.72 -13.66 -2.11
CA ALA A 356 15.20 -14.39 -0.95
C ALA A 356 16.33 -13.59 -0.31
N ASP A 357 16.86 -14.12 0.81
CA ASP A 357 17.99 -13.45 1.47
C ASP A 357 19.18 -13.36 0.54
N SER A 358 19.44 -14.41 -0.24
CA SER A 358 20.60 -14.43 -1.13
C SER A 358 20.45 -13.48 -2.31
N GLY A 359 19.30 -12.82 -2.45
CA GLY A 359 19.05 -11.95 -3.58
C GLY A 359 18.43 -12.63 -4.78
N GLU A 360 18.13 -13.92 -4.68
CA GLU A 360 17.48 -14.63 -5.78
C GLU A 360 16.05 -14.15 -5.94
N VAL A 361 15.62 -13.97 -7.18
CA VAL A 361 14.29 -13.45 -7.49
C VAL A 361 13.28 -14.59 -7.38
N LEU A 362 12.34 -14.45 -6.45
CA LEU A 362 11.26 -15.43 -6.25
C LEU A 362 9.97 -15.03 -6.96
N MET A 363 9.61 -13.76 -6.94
CA MET A 363 8.41 -13.28 -7.60
C MET A 363 8.71 -11.94 -8.26
N ASN A 364 8.39 -11.83 -9.55
CA ASN A 364 8.51 -10.58 -10.29
C ASN A 364 7.18 -10.31 -10.98
N ALA A 365 6.57 -9.18 -10.65
CA ALA A 365 5.23 -8.88 -11.15
C ALA A 365 5.16 -7.42 -11.60
N SER A 366 4.25 -7.15 -12.53
CA SER A 366 4.04 -5.81 -13.05
C SER A 366 2.61 -5.68 -13.56
N PHE A 367 2.10 -4.45 -13.55
CA PHE A 367 0.77 -4.19 -14.09
C PHE A 367 0.79 -4.31 -15.61
N LYS A 368 -0.28 -4.89 -16.17
CA LYS A 368 -0.36 -5.03 -17.62
C LYS A 368 -0.39 -3.67 -18.30
N ASP A 369 -1.10 -2.71 -17.72
CA ASP A 369 -1.06 -1.34 -18.21
C ASP A 369 0.19 -0.64 -17.68
N PRO A 370 1.09 -0.16 -18.54
CA PRO A 370 2.30 0.51 -18.03
C PRO A 370 2.00 1.80 -17.30
N LEU A 371 0.83 2.40 -17.49
CA LEU A 371 0.48 3.64 -16.83
C LEU A 371 -0.04 3.46 -15.42
N VAL A 372 -0.23 2.21 -14.97
CA VAL A 372 -0.74 1.92 -13.63
C VAL A 372 0.44 1.67 -12.72
N ASN A 373 0.42 2.28 -11.53
CA ASN A 373 1.44 2.09 -10.53
C ASN A 373 0.80 2.08 -9.15
N SER A 374 1.59 1.71 -8.14
CA SER A 374 1.14 1.69 -6.77
C SER A 374 2.23 2.28 -5.87
N TYR A 375 1.81 3.08 -4.89
CA TYR A 375 2.76 3.72 -3.99
C TYR A 375 3.58 2.68 -3.24
N ARG A 376 2.91 1.70 -2.63
N ARG A 376 2.91 1.69 -2.64
CA ARG A 376 3.57 0.61 -1.93
CA ARG A 376 3.58 0.61 -1.94
C ARG A 376 3.17 -0.72 -2.56
C ARG A 376 3.14 -0.73 -2.52
N ALA A 377 3.89 -1.77 -2.17
CA ALA A 377 3.53 -3.14 -2.53
C ALA A 377 3.97 -3.99 -1.35
N LEU A 378 3.03 -4.32 -0.47
CA LEU A 378 3.33 -4.98 0.79
C LEU A 378 2.57 -6.29 0.90
N ARG A 379 3.16 -7.24 1.62
CA ARG A 379 2.57 -8.55 1.81
C ARG A 379 2.13 -8.72 3.26
N PHE A 380 0.90 -9.19 3.45
CA PHE A 380 0.36 -9.46 4.77
C PHE A 380 -0.58 -10.65 4.65
N PRO A 381 -0.68 -11.47 5.70
CA PRO A 381 -1.79 -12.43 5.77
C PRO A 381 -3.10 -11.70 6.00
N TRP A 382 -4.19 -12.31 5.53
CA TRP A 382 -5.49 -11.65 5.61
C TRP A 382 -6.59 -12.70 5.65
N HIS A 383 -7.58 -12.47 6.51
CA HIS A 383 -8.73 -13.36 6.66
C HIS A 383 -9.98 -12.50 6.49
N GLY A 384 -10.52 -12.49 5.27
CA GLY A 384 -11.66 -11.66 4.95
C GLY A 384 -12.98 -12.33 5.28
N ARG A 385 -13.87 -11.59 5.94
CA ARG A 385 -15.20 -12.06 6.33
C ARG A 385 -16.24 -11.12 5.75
N PRO A 386 -16.56 -11.25 4.46
CA PRO A 386 -17.52 -10.32 3.85
C PRO A 386 -18.91 -10.47 4.43
N THR A 387 -19.61 -9.34 4.59
CA THR A 387 -20.94 -9.34 5.17
C THR A 387 -22.04 -9.53 4.14
N ASP A 388 -21.73 -9.47 2.86
CA ASP A 388 -22.70 -9.74 1.81
C ASP A 388 -22.64 -11.22 1.43
N SER A 389 -23.47 -11.61 0.48
CA SER A 389 -23.48 -12.98 -0.01
C SER A 389 -22.70 -13.10 -1.30
N PRO A 390 -22.23 -14.31 -1.65
CA PRO A 390 -21.58 -14.51 -2.95
C PRO A 390 -22.45 -14.03 -4.10
N ALA A 391 -21.80 -13.58 -5.16
CA ALA A 391 -22.47 -13.18 -6.39
C ALA A 391 -22.47 -14.33 -7.37
N VAL A 392 -23.61 -14.53 -8.05
CA VAL A 392 -23.79 -15.65 -8.96
C VAL A 392 -24.47 -15.15 -10.22
N ALA A 393 -24.24 -15.87 -11.32
CA ALA A 393 -24.92 -15.58 -12.58
C ALA A 393 -24.95 -16.84 -13.42
N GLY A 394 -26.04 -17.03 -14.16
CA GLY A 394 -26.20 -18.20 -15.01
C GLY A 394 -26.66 -17.85 -16.40
N ARG A 395 -26.04 -18.43 -17.42
N ARG A 395 -26.05 -18.46 -17.39
CA ARG A 395 -26.40 -18.21 -18.80
CA ARG A 395 -26.36 -18.24 -18.80
C ARG A 395 -26.62 -19.56 -19.47
C ARG A 395 -26.62 -19.59 -19.46
N ALA A 396 -27.80 -19.76 -20.03
CA ALA A 396 -28.14 -21.01 -20.70
C ALA A 396 -27.50 -21.06 -22.09
N GLY A 397 -27.56 -22.24 -22.70
CA GLY A 397 -26.96 -22.42 -24.01
C GLY A 397 -27.20 -23.81 -24.52
N ALA A 398 -26.43 -24.19 -25.55
CA ALA A 398 -26.59 -25.50 -26.17
C ALA A 398 -26.10 -26.61 -25.24
N HIS A 399 -24.92 -26.42 -24.64
CA HIS A 399 -24.40 -27.42 -23.70
C HIS A 399 -25.27 -27.55 -22.47
N GLY A 400 -25.87 -26.44 -22.02
CA GLY A 400 -26.69 -26.46 -20.83
C GLY A 400 -26.69 -25.12 -20.13
N MET A 401 -25.81 -24.96 -19.14
CA MET A 401 -25.68 -23.72 -18.41
C MET A 401 -24.20 -23.44 -18.12
N THR A 402 -23.86 -22.16 -18.10
CA THR A 402 -22.56 -21.71 -17.61
C THR A 402 -22.80 -20.84 -16.39
N VAL A 403 -22.20 -21.22 -15.27
CA VAL A 403 -22.42 -20.56 -13.98
C VAL A 403 -21.16 -19.81 -13.59
N HIS A 404 -21.32 -18.55 -13.20
CA HIS A 404 -20.23 -17.71 -12.74
C HIS A 404 -20.43 -17.38 -11.27
N ALA A 405 -19.33 -17.37 -10.52
CA ALA A 405 -19.38 -17.15 -9.08
C ALA A 405 -18.20 -16.31 -8.62
N SER A 406 -18.48 -15.34 -7.76
CA SER A 406 -17.44 -14.55 -7.12
C SER A 406 -17.92 -14.13 -5.74
N TRP A 407 -16.96 -13.76 -4.89
CA TRP A 407 -17.30 -13.23 -3.57
C TRP A 407 -16.19 -12.25 -3.18
N ASN A 408 -16.37 -11.00 -3.57
CA ASN A 408 -15.37 -9.96 -3.31
C ASN A 408 -15.01 -9.91 -1.84
N GLY A 409 -13.72 -10.05 -1.54
CA GLY A 409 -13.21 -9.99 -0.18
C GLY A 409 -13.04 -11.34 0.48
N ALA A 410 -13.69 -12.38 -0.03
CA ALA A 410 -13.58 -13.70 0.60
C ALA A 410 -12.20 -14.30 0.35
N THR A 411 -11.53 -14.69 1.43
CA THR A 411 -10.20 -15.28 1.33
C THR A 411 -10.18 -16.78 1.54
N GLU A 412 -11.21 -17.36 2.15
CA GLU A 412 -11.20 -18.76 2.54
C GLU A 412 -11.94 -19.66 1.58
N VAL A 413 -12.39 -19.14 0.44
CA VAL A 413 -13.15 -19.95 -0.51
C VAL A 413 -12.19 -20.86 -1.26
N ALA A 414 -12.41 -22.17 -1.15
CA ALA A 414 -11.62 -23.16 -1.88
C ALA A 414 -12.36 -23.78 -3.05
N SER A 415 -13.68 -23.85 -3.00
CA SER A 415 -14.44 -24.45 -4.09
C SER A 415 -15.85 -23.85 -4.07
N TRP A 416 -16.56 -24.06 -5.17
CA TRP A 416 -17.93 -23.60 -5.33
C TRP A 416 -18.83 -24.80 -5.54
N ARG A 417 -19.96 -24.83 -4.85
CA ARG A 417 -20.99 -25.82 -5.09
C ARG A 417 -22.10 -25.16 -5.90
N ILE A 418 -22.42 -25.75 -7.05
CA ILE A 418 -23.42 -25.20 -7.96
C ILE A 418 -24.76 -25.85 -7.65
N LEU A 419 -25.74 -25.01 -7.30
CA LEU A 419 -27.11 -25.46 -7.06
C LEU A 419 -27.98 -25.09 -8.25
N ALA A 420 -28.91 -25.98 -8.60
CA ALA A 420 -29.84 -25.73 -9.69
C ALA A 420 -31.23 -26.19 -9.27
N GLY A 421 -32.25 -25.57 -9.85
CA GLY A 421 -33.62 -25.92 -9.52
C GLY A 421 -34.59 -25.05 -10.29
N ASP A 422 -35.84 -25.53 -10.36
CA ASP A 422 -36.87 -24.81 -11.09
C ASP A 422 -37.47 -23.66 -10.30
N THR A 423 -37.45 -23.75 -8.97
CA THR A 423 -37.88 -22.65 -8.12
C THR A 423 -36.83 -22.41 -7.04
N PRO A 424 -36.70 -21.15 -6.59
CA PRO A 424 -35.68 -20.83 -5.56
C PRO A 424 -35.75 -21.69 -4.30
N GLN A 425 -36.89 -22.34 -4.05
CA GLN A 425 -37.02 -23.19 -2.87
C GLN A 425 -36.72 -24.65 -3.17
N SER A 426 -36.53 -25.04 -4.43
CA SER A 426 -36.22 -26.41 -4.79
C SER A 426 -34.85 -26.50 -5.47
N LEU A 427 -33.86 -25.82 -4.91
CA LEU A 427 -32.51 -25.88 -5.44
C LEU A 427 -31.81 -27.13 -4.92
N SER A 428 -31.05 -27.78 -5.81
CA SER A 428 -30.34 -29.01 -5.49
C SER A 428 -28.91 -28.93 -6.04
N GLY A 429 -27.97 -29.49 -5.28
CA GLY A 429 -26.57 -29.45 -5.68
C GLY A 429 -26.28 -30.42 -6.80
N VAL A 430 -25.66 -29.91 -7.87
CA VAL A 430 -25.37 -30.72 -9.03
C VAL A 430 -23.87 -30.94 -9.25
N LYS A 431 -23.02 -29.99 -8.85
CA LYS A 431 -21.61 -30.08 -9.17
C LYS A 431 -20.83 -29.14 -8.25
N GLU A 432 -19.62 -29.57 -7.86
CA GLU A 432 -18.69 -28.76 -7.10
C GLU A 432 -17.41 -28.57 -7.92
N VAL A 433 -16.95 -27.33 -8.03
CA VAL A 433 -15.76 -27.02 -8.81
C VAL A 433 -14.80 -26.21 -7.97
N PRO A 434 -13.49 -26.35 -8.16
CA PRO A 434 -12.54 -25.52 -7.41
C PRO A 434 -12.58 -24.07 -7.85
N LYS A 435 -12.29 -23.19 -6.90
CA LYS A 435 -12.14 -21.77 -7.22
C LYS A 435 -10.77 -21.55 -7.84
N ASP A 436 -10.74 -21.03 -9.07
CA ASP A 436 -9.50 -20.85 -9.81
C ASP A 436 -9.25 -19.42 -10.24
N ALA A 437 -10.12 -18.48 -9.87
CA ALA A 437 -9.93 -17.07 -10.19
C ALA A 437 -10.80 -16.26 -9.26
N PHE A 438 -10.72 -14.93 -9.37
CA PHE A 438 -11.62 -14.06 -8.62
C PHE A 438 -13.06 -14.40 -8.94
N GLU A 439 -13.36 -14.60 -10.22
CA GLU A 439 -14.67 -15.07 -10.68
C GLU A 439 -14.46 -16.41 -11.37
N THR A 440 -15.01 -17.47 -10.78
CA THR A 440 -14.89 -18.81 -11.33
C THR A 440 -16.08 -19.12 -12.24
N SER A 441 -15.79 -19.73 -13.38
CA SER A 441 -16.81 -20.14 -14.33
C SER A 441 -16.80 -21.65 -14.48
N ALA A 442 -17.99 -22.23 -14.57
CA ALA A 442 -18.14 -23.68 -14.73
C ALA A 442 -19.40 -23.96 -15.53
N THR A 443 -19.36 -25.03 -16.32
CA THR A 443 -20.49 -25.44 -17.12
C THR A 443 -21.12 -26.70 -16.55
N VAL A 444 -22.42 -26.84 -16.77
CA VAL A 444 -23.16 -28.05 -16.39
C VAL A 444 -23.98 -28.50 -17.59
N ALA A 445 -24.16 -29.80 -17.71
CA ALA A 445 -24.88 -30.39 -18.85
C ALA A 445 -26.39 -30.30 -18.70
N HIS A 446 -26.89 -29.55 -17.72
CA HIS A 446 -28.31 -29.37 -17.50
C HIS A 446 -28.70 -27.92 -17.75
N THR A 447 -29.99 -27.70 -17.95
CA THR A 447 -30.56 -26.36 -18.04
C THR A 447 -31.65 -26.25 -16.98
N SER A 448 -31.52 -25.26 -16.11
CA SER A 448 -32.43 -25.05 -15.00
C SER A 448 -33.00 -23.64 -15.06
N SER A 449 -34.06 -23.42 -14.29
CA SER A 449 -34.66 -22.08 -14.23
C SER A 449 -33.90 -21.17 -13.29
N TYR A 450 -33.35 -21.71 -12.20
CA TYR A 450 -32.63 -20.95 -11.21
C TYR A 450 -31.34 -21.67 -10.84
N VAL A 451 -30.31 -20.87 -10.52
CA VAL A 451 -29.04 -21.41 -10.03
C VAL A 451 -28.62 -20.60 -8.80
N ALA A 452 -27.77 -21.23 -7.99
CA ALA A 452 -27.13 -20.56 -6.87
C ALA A 452 -25.78 -21.23 -6.64
N VAL A 453 -24.93 -20.56 -5.88
CA VAL A 453 -23.63 -21.12 -5.52
C VAL A 453 -23.45 -21.05 -4.02
N GLN A 454 -22.71 -22.02 -3.49
CA GLN A 454 -22.29 -22.03 -2.10
C GLN A 454 -20.77 -22.03 -2.06
N ALA A 455 -20.20 -21.09 -1.32
CA ALA A 455 -18.75 -21.04 -1.14
C ALA A 455 -18.34 -22.04 -0.08
N LEU A 456 -17.34 -22.86 -0.40
CA LEU A 456 -16.85 -23.90 0.49
C LEU A 456 -15.39 -23.67 0.80
N ASP A 457 -15.01 -23.84 2.06
CA ASP A 457 -13.61 -23.72 2.45
C ASP A 457 -12.90 -25.05 2.15
N SER A 458 -11.65 -25.17 2.60
CA SER A 458 -10.83 -26.32 2.21
C SER A 458 -11.36 -27.63 2.78
N THR A 459 -12.03 -27.58 3.94
CA THR A 459 -12.61 -28.77 4.55
C THR A 459 -14.03 -29.04 4.07
N GLY A 460 -14.55 -28.24 3.15
CA GLY A 460 -15.88 -28.44 2.62
C GLY A 460 -16.99 -27.77 3.39
N ARG A 461 -16.67 -27.06 4.46
CA ARG A 461 -17.70 -26.33 5.21
C ARG A 461 -18.21 -25.16 4.39
N VAL A 462 -19.52 -24.91 4.49
CA VAL A 462 -20.17 -23.86 3.71
C VAL A 462 -19.87 -22.50 4.35
N LEU A 463 -19.26 -21.61 3.58
CA LEU A 463 -18.98 -20.26 4.05
C LEU A 463 -20.13 -19.30 3.80
N GLY A 464 -20.91 -19.53 2.76
CA GLY A 464 -21.98 -18.63 2.41
C GLY A 464 -22.67 -19.12 1.16
N THR A 465 -23.88 -18.60 0.96
CA THR A 465 -24.73 -19.00 -0.15
C THR A 465 -25.22 -17.75 -0.86
N SER A 466 -25.23 -17.79 -2.20
CA SER A 466 -25.75 -16.70 -2.99
C SER A 466 -27.28 -16.71 -2.99
N LYS A 467 -27.87 -15.60 -3.42
CA LYS A 467 -29.29 -15.61 -3.72
C LYS A 467 -29.55 -16.51 -4.92
N ALA A 468 -30.81 -16.95 -5.04
CA ALA A 468 -31.21 -17.68 -6.24
C ALA A 468 -31.25 -16.73 -7.42
N SER A 469 -30.62 -17.13 -8.53
CA SER A 469 -30.52 -16.29 -9.71
C SER A 469 -31.21 -16.97 -10.88
N ARG A 470 -32.07 -16.21 -11.58
N ARG A 470 -32.06 -16.21 -11.57
CA ARG A 470 -32.78 -16.78 -12.72
CA ARG A 470 -32.76 -16.73 -12.74
C ARG A 470 -31.82 -16.89 -13.90
C ARG A 470 -31.78 -16.89 -13.89
N VAL A 471 -31.76 -18.09 -14.49
CA VAL A 471 -30.81 -18.36 -15.57
C VAL A 471 -31.22 -17.58 -16.81
N ARG A 472 -30.26 -16.85 -17.38
CA ARG A 472 -30.51 -16.08 -18.60
C ARG A 472 -29.68 -16.63 -19.75
S SO4 B . -33.55 -16.15 -2.43
O1 SO4 B . -34.90 -16.78 -2.58
O2 SO4 B . -33.67 -14.87 -1.65
O3 SO4 B . -32.63 -17.08 -1.70
O4 SO4 B . -32.98 -15.84 -3.79
S SO4 C . -11.25 16.27 2.73
O1 SO4 C . -11.93 15.05 2.22
O2 SO4 C . -12.27 17.33 3.03
O3 SO4 C . -10.49 15.93 3.98
O4 SO4 C . -10.28 16.78 1.70
S SO4 D . -34.72 -29.19 -12.34
O1 SO4 D . -35.35 -29.42 -13.67
O2 SO4 D . -35.78 -29.04 -11.29
O3 SO4 D . -33.84 -30.37 -11.99
O4 SO4 D . -33.89 -27.95 -12.39
S SO4 E . 8.68 35.41 8.01
O1 SO4 E . 8.11 34.89 6.73
O2 SO4 E . 7.60 35.89 8.92
O3 SO4 E . 9.42 34.29 8.70
O4 SO4 E . 9.60 36.55 7.71
MG MG F . 8.97 -0.79 5.12
MG MG G . 3.38 2.70 7.99
#